data_8PG6
#
_entry.id   8PG6
#
_cell.length_a   39.493
_cell.length_b   68.210
_cell.length_c   40.304
_cell.angle_alpha   90.000
_cell.angle_beta   93.420
_cell.angle_gamma   90.000
#
_symmetry.space_group_name_H-M   'P 1 21 1'
#
loop_
_entity.id
_entity.type
_entity.pdbx_description
1 polymer 'Beta-lactamase VIM-1'
2 non-polymer 'ZINC ION'
3 non-polymer '7-[(1~{S})-1-[3-(3-azanylpropyl)-2,5-bis(oxidanylidene)imidazolidin-1-yl]ethyl]-3-[3-fluoranyl-4-(methylsulfonylmethyl)phenyl]-1~{H}-indole-2-carboxylic acid'
4 water water
#
_entity_poly.entity_id   1
_entity_poly.type   'polypeptide(L)'
_entity_poly.pdbx_seq_one_letter_code
;MLKVISSLLVYMTASVMAVASPLAHSGEPSGEYPTVNEIPVGEVRLYQIADGVWSHIATQSFDGAVYPSNGLIVRDGDEL
LLIDTAWGAKNTAALLAEIEKQIGLPVTRAVSTHFHDDRVGGVDVLRAAGVATYASPSTRRLAEAEGNEIPTHSLEGLSS
SGDAVRFGPVELFYPGAAHSTDNLVVYVPSANVLYGGCAVHELSSTSAGNVADADLAEWPTSVERIQKHYPEAEVVIPGH
GLPGGLDLLQHTANVVKAHKNRSVAE
;
_entity_poly.pdbx_strand_id   A
#
loop_
_chem_comp.id
_chem_comp.type
_chem_comp.name
_chem_comp.formula
YSX non-polymer '7-[(1~{S})-1-[3-(3-azanylpropyl)-2,5-bis(oxidanylidene)imidazolidin-1-yl]ethyl]-3-[3-fluoranyl-4-(methylsulfonylmethyl)phenyl]-1~{H}-indole-2-carboxylic acid' 'C25 H27 F N4 O6 S'
ZN non-polymer 'ZINC ION' 'Zn 2'
#
# COMPACT_ATOMS: atom_id res chain seq x y z
N SER A 30 6.74 18.90 -9.57
CA SER A 30 5.86 19.92 -10.21
C SER A 30 4.66 19.31 -10.92
N GLY A 31 4.04 18.30 -10.32
CA GLY A 31 2.89 17.66 -10.93
C GLY A 31 3.02 16.23 -11.46
N GLU A 32 4.21 15.78 -11.86
CA GLU A 32 4.39 14.40 -12.30
C GLU A 32 4.44 13.47 -11.11
N TYR A 33 4.19 12.14 -11.31
CA TYR A 33 4.22 11.23 -10.14
C TYR A 33 5.64 11.16 -9.66
N PRO A 34 5.89 11.32 -8.42
CA PRO A 34 7.29 11.37 -8.05
C PRO A 34 7.97 10.04 -7.94
N THR A 35 9.23 9.94 -8.50
N THR A 35 9.21 10.28 -7.64
CA THR A 35 9.98 8.67 -8.72
CA THR A 35 10.18 9.24 -7.67
C THR A 35 11.12 8.43 -7.71
C THR A 35 11.23 9.60 -6.65
N VAL A 36 11.68 7.17 -7.64
N VAL A 36 12.08 8.62 -6.39
CA VAL A 36 12.63 6.87 -6.57
CA VAL A 36 13.19 8.88 -5.50
C VAL A 36 13.77 7.86 -6.48
C VAL A 36 13.97 10.12 -5.88
N ASN A 37 14.35 8.28 -7.61
N ASN A 37 14.04 10.48 -7.17
CA ASN A 37 15.50 9.19 -7.52
CA ASN A 37 14.88 11.60 -7.54
C ASN A 37 15.13 10.63 -7.19
C ASN A 37 14.28 12.94 -7.20
N GLU A 38 13.85 10.95 -7.15
N GLU A 38 13.01 12.95 -6.83
CA GLU A 38 13.40 12.31 -6.87
CA GLU A 38 12.28 14.20 -6.55
C GLU A 38 13.05 12.52 -5.42
C GLU A 38 11.73 14.32 -5.14
N ILE A 39 13.08 11.48 -4.59
N ILE A 39 12.10 13.41 -4.27
CA ILE A 39 12.64 11.58 -3.19
CA ILE A 39 11.74 13.47 -2.87
C ILE A 39 13.77 11.17 -2.26
C ILE A 39 13.01 13.79 -2.10
N PRO A 40 14.42 12.07 -1.52
N PRO A 40 13.13 14.97 -1.45
CA PRO A 40 15.45 11.60 -0.59
CA PRO A 40 14.37 15.26 -0.72
C PRO A 40 14.83 10.73 0.49
C PRO A 40 14.66 14.11 0.25
N VAL A 41 15.61 9.76 0.99
N VAL A 41 15.81 14.15 0.90
CA VAL A 41 15.07 8.96 2.06
CA VAL A 41 16.15 13.07 1.82
C VAL A 41 14.82 9.85 3.26
C VAL A 41 15.31 13.13 3.08
N GLY A 42 13.64 9.75 3.86
N GLY A 42 14.78 11.99 3.49
CA GLY A 42 13.22 10.63 4.94
CA GLY A 42 13.97 11.86 4.69
C GLY A 42 12.16 11.65 4.57
C GLY A 42 12.57 12.42 4.57
N GLU A 43 11.98 11.97 3.30
N GLU A 43 12.05 12.49 3.35
CA GLU A 43 11.00 12.97 2.85
CA GLU A 43 10.84 13.25 3.05
C GLU A 43 9.79 12.27 2.30
C GLU A 43 9.79 12.33 2.47
N VAL A 44 8.59 12.90 2.39
CA VAL A 44 7.40 12.26 1.83
C VAL A 44 6.74 13.24 0.91
N ARG A 45 6.22 12.72 -0.19
N ARG A 45 6.24 12.75 -0.21
CA ARG A 45 5.43 13.45 -1.16
CA ARG A 45 5.41 13.54 -1.10
C ARG A 45 4.00 12.92 -1.13
C ARG A 45 4.02 12.93 -1.21
N LEU A 46 3.05 13.81 -1.42
CA LEU A 46 1.68 13.40 -1.69
C LEU A 46 1.34 13.66 -3.15
N TYR A 47 0.41 12.88 -3.70
CA TYR A 47 -0.02 13.05 -5.08
C TYR A 47 -1.52 12.91 -5.11
N GLN A 48 -2.19 13.89 -5.67
CA GLN A 48 -3.64 13.84 -5.71
C GLN A 48 -4.08 12.88 -6.82
N ILE A 49 -4.82 11.84 -6.43
CA ILE A 49 -5.33 10.84 -7.35
C ILE A 49 -6.69 11.19 -7.88
N ALA A 50 -7.57 11.65 -7.01
CA ALA A 50 -8.97 11.96 -7.33
C ALA A 50 -9.47 12.83 -6.20
N ASP A 51 -10.72 13.29 -6.31
CA ASP A 51 -11.27 14.07 -5.22
CA ASP A 51 -11.29 14.07 -5.23
C ASP A 51 -11.29 13.26 -3.92
N GLY A 52 -10.63 13.79 -2.91
CA GLY A 52 -10.53 13.10 -1.63
C GLY A 52 -9.67 11.85 -1.60
N VAL A 53 -8.80 11.64 -2.58
CA VAL A 53 -7.92 10.51 -2.62
C VAL A 53 -6.53 10.98 -2.99
N TRP A 54 -5.54 10.62 -2.18
CA TRP A 54 -4.12 10.92 -2.45
C TRP A 54 -3.35 9.62 -2.34
N SER A 55 -2.23 9.53 -3.03
CA SER A 55 -1.19 8.58 -2.64
C SER A 55 -0.12 9.32 -1.88
N HIS A 56 0.60 8.57 -1.09
CA HIS A 56 1.81 9.02 -0.43
C HIS A 56 2.98 8.21 -0.93
N ILE A 57 4.12 8.87 -1.12
CA ILE A 57 5.32 8.28 -1.68
C ILE A 57 6.50 8.63 -0.80
N ALA A 58 7.27 7.61 -0.46
CA ALA A 58 8.47 7.76 0.34
C ALA A 58 9.54 6.82 -0.17
N THR A 59 10.77 6.99 0.31
CA THR A 59 11.83 6.08 -0.13
CA THR A 59 11.89 6.19 -0.12
C THR A 59 12.56 5.54 1.09
N GLN A 60 13.12 4.35 0.90
CA GLN A 60 13.81 3.68 2.01
C GLN A 60 14.90 2.82 1.43
N SER A 61 15.91 2.58 2.26
N SER A 61 15.94 2.61 2.21
CA SER A 61 17.02 1.69 1.97
CA SER A 61 16.96 1.68 1.81
C SER A 61 16.71 0.31 2.53
C SER A 61 16.80 0.34 2.51
N PHE A 62 17.08 -0.71 1.77
CA PHE A 62 16.95 -2.09 2.25
C PHE A 62 18.03 -2.91 1.58
N ASP A 63 18.86 -3.60 2.36
CA ASP A 63 19.95 -4.40 1.80
C ASP A 63 20.81 -3.59 0.81
N GLY A 64 21.03 -2.34 1.12
CA GLY A 64 21.96 -1.52 0.34
C GLY A 64 21.44 -0.99 -0.98
N ALA A 65 20.13 -1.03 -1.21
CA ALA A 65 19.53 -0.38 -2.35
C ALA A 65 18.34 0.45 -1.87
N VAL A 66 18.01 1.45 -2.67
CA VAL A 66 16.94 2.39 -2.32
C VAL A 66 15.73 2.14 -3.20
N TYR A 67 14.57 2.14 -2.58
CA TYR A 67 13.31 1.85 -3.21
C TYR A 67 12.26 2.89 -2.86
N PRO A 68 11.37 3.22 -3.80
CA PRO A 68 10.16 3.95 -3.46
C PRO A 68 9.10 2.99 -2.96
N SER A 69 8.07 3.57 -2.34
N SER A 69 8.12 3.56 -2.22
CA SER A 69 6.93 2.83 -1.84
CA SER A 69 6.91 2.86 -1.93
C SER A 69 5.74 3.78 -1.77
C SER A 69 5.75 3.79 -1.78
N ASN A 70 4.56 3.28 -2.07
CA ASN A 70 3.29 4.03 -2.05
C ASN A 70 2.43 3.62 -0.85
N GLY A 71 1.58 4.53 -0.44
CA GLY A 71 0.40 4.28 0.34
C GLY A 71 -0.74 5.16 -0.12
N LEU A 72 -1.86 5.15 0.60
CA LEU A 72 -3.05 5.87 0.22
C LEU A 72 -3.57 6.71 1.37
N ILE A 73 -4.24 7.81 1.05
CA ILE A 73 -4.95 8.65 2.01
C ILE A 73 -6.34 8.89 1.42
N VAL A 74 -7.38 8.66 2.22
CA VAL A 74 -8.76 8.81 1.72
C VAL A 74 -9.52 9.69 2.68
N ARG A 75 -10.12 10.74 2.16
N ARG A 75 -10.10 10.78 2.17
CA ARG A 75 -10.93 11.62 3.00
CA ARG A 75 -10.93 11.63 3.03
C ARG A 75 -12.19 10.90 3.50
C ARG A 75 -12.17 10.88 3.51
N ASP A 76 -12.44 11.03 4.79
CA ASP A 76 -13.49 10.30 5.58
C ASP A 76 -14.24 11.42 6.33
N GLY A 77 -15.01 12.24 5.59
CA GLY A 77 -15.73 13.39 6.17
C GLY A 77 -14.74 14.50 6.50
N ASP A 78 -14.61 14.84 7.77
CA ASP A 78 -13.60 15.76 8.26
C ASP A 78 -12.38 15.07 8.88
N GLU A 79 -12.20 13.79 8.60
CA GLU A 79 -11.04 13.01 9.07
C GLU A 79 -10.42 12.35 7.85
N LEU A 80 -9.29 11.69 8.06
CA LEU A 80 -8.62 10.93 7.02
C LEU A 80 -8.41 9.50 7.46
N LEU A 81 -8.53 8.59 6.49
CA LEU A 81 -8.13 7.18 6.59
C LEU A 81 -6.79 7.03 5.86
N LEU A 82 -5.84 6.45 6.53
CA LEU A 82 -4.51 6.17 5.97
C LEU A 82 -4.41 4.70 5.61
N ILE A 83 -3.91 4.36 4.44
CA ILE A 83 -3.58 3.00 4.04
C ILE A 83 -2.07 2.93 3.92
N ASP A 84 -1.48 2.11 4.80
CA ASP A 84 -0.05 1.79 4.86
C ASP A 84 0.80 2.93 5.39
N THR A 85 1.86 2.54 6.12
CA THR A 85 2.86 3.47 6.56
C THR A 85 3.74 3.91 5.39
N ALA A 86 4.67 4.84 5.71
CA ALA A 86 5.65 5.31 4.75
C ALA A 86 6.99 4.59 4.80
N TRP A 87 7.02 3.36 5.33
CA TRP A 87 8.20 2.51 5.37
C TRP A 87 9.23 3.05 6.32
N GLY A 88 8.89 3.03 7.61
CA GLY A 88 9.80 3.41 8.70
C GLY A 88 9.23 4.47 9.57
N ALA A 89 9.77 4.51 10.79
CA ALA A 89 9.32 5.48 11.79
C ALA A 89 9.54 6.92 11.34
N LYS A 90 10.76 7.26 10.93
N LYS A 90 10.75 7.25 10.89
CA LYS A 90 11.06 8.63 10.52
CA LYS A 90 11.02 8.66 10.54
C LYS A 90 10.22 9.04 9.32
C LYS A 90 10.24 9.05 9.29
N ASN A 91 10.15 8.15 8.31
CA ASN A 91 9.33 8.45 7.15
C ASN A 91 7.87 8.66 7.52
N THR A 92 7.34 7.89 8.46
CA THR A 92 5.95 7.98 8.84
C THR A 92 5.68 9.27 9.63
N ALA A 93 6.63 9.71 10.48
CA ALA A 93 6.50 11.01 11.09
C ALA A 93 6.46 12.11 10.02
N ALA A 94 7.33 12.02 9.02
CA ALA A 94 7.32 12.98 7.94
C ALA A 94 6.02 12.96 7.16
N LEU A 95 5.44 11.77 6.99
CA LEU A 95 4.14 11.64 6.32
C LEU A 95 3.08 12.42 7.07
N LEU A 96 3.01 12.25 8.39
CA LEU A 96 2.01 12.97 9.17
C LEU A 96 2.19 14.46 9.00
N ALA A 97 3.45 14.95 9.01
CA ALA A 97 3.71 16.38 8.87
C ALA A 97 3.27 16.85 7.48
N GLU A 98 3.55 16.07 6.45
CA GLU A 98 3.14 16.43 5.11
C GLU A 98 1.64 16.49 4.94
N ILE A 99 0.94 15.55 5.57
CA ILE A 99 -0.52 15.56 5.56
C ILE A 99 -1.05 16.84 6.22
N GLU A 100 -0.48 17.20 7.34
CA GLU A 100 -0.91 18.41 8.03
C GLU A 100 -0.70 19.64 7.16
N LYS A 101 0.43 19.72 6.50
CA LYS A 101 0.73 20.82 5.60
C LYS A 101 -0.19 20.91 4.40
N GLN A 102 -0.44 19.79 3.74
CA GLN A 102 -1.08 19.78 2.46
C GLN A 102 -2.59 19.61 2.54
N ILE A 103 -3.09 18.94 3.56
CA ILE A 103 -4.50 18.57 3.68
C ILE A 103 -5.13 19.18 4.90
N GLY A 104 -4.49 19.06 6.06
CA GLY A 104 -4.92 19.74 7.28
C GLY A 104 -6.09 19.11 7.99
N LEU A 105 -6.38 17.82 7.74
CA LEU A 105 -7.39 17.06 8.43
C LEU A 105 -6.70 15.98 9.22
N PRO A 106 -7.26 15.57 10.35
CA PRO A 106 -6.57 14.60 11.18
C PRO A 106 -6.69 13.18 10.66
N VAL A 107 -5.57 12.44 10.71
CA VAL A 107 -5.58 11.01 10.43
C VAL A 107 -6.09 10.30 11.65
N THR A 108 -7.21 9.61 11.53
CA THR A 108 -7.79 8.95 12.70
C THR A 108 -7.63 7.46 12.71
N ARG A 109 -7.50 6.82 11.55
CA ARG A 109 -7.40 5.37 11.46
C ARG A 109 -6.39 5.09 10.34
N ALA A 110 -5.75 3.92 10.47
CA ALA A 110 -4.85 3.40 9.47
C ALA A 110 -5.06 1.92 9.31
N VAL A 111 -4.95 1.45 8.07
CA VAL A 111 -4.98 0.03 7.74
C VAL A 111 -3.65 -0.31 7.09
N SER A 112 -3.02 -1.41 7.52
CA SER A 112 -1.85 -1.93 6.86
C SER A 112 -2.26 -3.14 6.02
N THR A 113 -1.81 -3.17 4.77
CA THR A 113 -2.32 -4.15 3.80
C THR A 113 -1.52 -5.45 3.74
N HIS A 114 -0.36 -5.53 4.39
CA HIS A 114 0.32 -6.80 4.69
C HIS A 114 1.38 -6.50 5.73
N PHE A 115 2.14 -7.52 6.11
CA PHE A 115 2.97 -7.48 7.32
C PHE A 115 4.34 -6.91 7.13
N HIS A 116 4.79 -6.60 5.91
CA HIS A 116 6.17 -6.15 5.68
C HIS A 116 6.38 -4.72 6.16
N ASP A 117 7.64 -4.34 6.33
CA ASP A 117 8.03 -3.07 6.89
C ASP A 117 7.58 -1.89 6.08
N ASP A 118 7.40 -2.02 4.77
CA ASP A 118 6.89 -0.93 3.95
C ASP A 118 5.39 -0.71 4.19
N ARG A 119 4.72 -1.52 5.00
CA ARG A 119 3.31 -1.42 5.31
C ARG A 119 3.03 -1.15 6.79
N VAL A 120 3.85 -1.72 7.67
CA VAL A 120 3.68 -1.58 9.12
C VAL A 120 4.78 -0.81 9.78
N GLY A 121 5.93 -0.57 9.13
CA GLY A 121 7.00 0.15 9.81
C GLY A 121 6.61 1.59 9.95
N GLY A 122 6.40 2.08 11.16
CA GLY A 122 5.76 3.36 11.40
C GLY A 122 4.48 3.25 12.14
N VAL A 123 3.94 2.05 12.36
CA VAL A 123 2.73 1.88 13.15
C VAL A 123 2.90 2.42 14.58
N ASP A 124 4.08 2.25 15.17
CA ASP A 124 4.25 2.77 16.53
C ASP A 124 4.19 4.31 16.55
N VAL A 125 4.75 4.98 15.54
CA VAL A 125 4.60 6.43 15.34
C VAL A 125 3.13 6.77 15.24
N LEU A 126 2.39 6.08 14.40
CA LEU A 126 0.98 6.37 14.24
C LEU A 126 0.25 6.27 15.56
N ARG A 127 0.47 5.18 16.25
CA ARG A 127 -0.22 4.91 17.49
C ARG A 127 0.08 5.96 18.53
N ALA A 128 1.29 6.50 18.58
CA ALA A 128 1.59 7.66 19.44
C ALA A 128 1.09 9.03 18.95
N ALA A 129 0.61 9.12 17.75
CA ALA A 129 0.03 10.33 17.21
C ALA A 129 -1.52 10.25 17.21
N GLY A 130 -2.11 9.29 17.95
CA GLY A 130 -3.56 9.20 18.10
C GLY A 130 -4.25 8.42 17.01
N VAL A 131 -3.50 7.75 16.15
CA VAL A 131 -4.12 7.01 15.06
C VAL A 131 -4.43 5.59 15.53
N ALA A 132 -5.63 5.16 15.30
CA ALA A 132 -6.02 3.78 15.55
C ALA A 132 -5.56 2.92 14.38
N THR A 133 -4.75 1.87 14.65
CA THR A 133 -4.11 1.05 13.60
C THR A 133 -4.78 -0.30 13.51
N TYR A 134 -5.01 -0.75 12.30
CA TYR A 134 -5.74 -1.94 12.00
C TYR A 134 -5.02 -2.80 10.96
N ALA A 135 -5.23 -4.12 11.04
CA ALA A 135 -4.76 -5.07 10.01
C ALA A 135 -5.53 -6.36 10.23
N SER A 136 -5.51 -7.23 9.22
CA SER A 136 -6.13 -8.54 9.41
C SER A 136 -5.41 -9.30 10.54
N PRO A 137 -6.07 -10.32 11.11
CA PRO A 137 -5.36 -11.16 12.10
C PRO A 137 -4.17 -11.86 11.46
N SER A 138 -4.24 -12.26 10.21
N SER A 138 -4.24 -12.22 10.18
CA SER A 138 -3.09 -12.87 9.55
CA SER A 138 -3.12 -12.89 9.52
C SER A 138 -1.90 -11.91 9.54
C SER A 138 -1.91 -11.97 9.41
N THR A 139 -2.14 -10.68 9.07
CA THR A 139 -1.07 -9.69 9.05
C THR A 139 -0.49 -9.49 10.43
N ARG A 140 -1.34 -9.36 11.46
CA ARG A 140 -0.84 -9.14 12.80
C ARG A 140 0.05 -10.29 13.28
N ARG A 141 -0.35 -11.54 12.98
N ARG A 141 -0.38 -11.54 13.05
CA ARG A 141 0.45 -12.69 13.39
CA ARG A 141 0.46 -12.67 13.42
C ARG A 141 1.78 -12.74 12.66
C ARG A 141 1.80 -12.62 12.69
N LEU A 142 1.78 -12.41 11.38
CA LEU A 142 3.01 -12.44 10.59
C LEU A 142 3.93 -11.32 11.00
N ALA A 143 3.36 -10.14 11.27
CA ALA A 143 4.17 -9.01 11.72
C ALA A 143 4.86 -9.36 13.03
N GLU A 144 4.09 -9.90 13.99
CA GLU A 144 4.64 -10.28 15.27
C GLU A 144 5.76 -11.28 15.11
N ALA A 145 5.55 -12.29 14.29
CA ALA A 145 6.58 -13.32 14.13
C ALA A 145 7.84 -12.80 13.45
N GLU A 146 7.70 -11.81 12.58
CA GLU A 146 8.81 -11.20 11.83
CA GLU A 146 8.82 -11.22 11.85
C GLU A 146 9.60 -10.21 12.67
N GLY A 147 9.06 -9.76 13.78
CA GLY A 147 9.69 -8.68 14.52
C GLY A 147 9.37 -7.30 13.95
N ASN A 148 8.26 -7.18 13.23
CA ASN A 148 7.83 -5.91 12.68
C ASN A 148 6.84 -5.28 13.66
N GLU A 149 6.51 -4.00 13.44
CA GLU A 149 5.53 -3.32 14.29
C GLU A 149 4.14 -3.90 13.99
N ILE A 150 3.31 -3.87 15.02
CA ILE A 150 2.08 -4.65 14.99
C ILE A 150 0.88 -3.72 15.14
N PRO A 151 0.01 -3.62 14.14
CA PRO A 151 -1.24 -2.83 14.29
C PRO A 151 -2.07 -3.32 15.48
N THR A 152 -2.78 -2.41 16.10
CA THR A 152 -3.52 -2.72 17.33
C THR A 152 -4.74 -3.57 17.13
N HIS A 153 -5.53 -3.31 16.12
CA HIS A 153 -6.86 -3.85 15.96
C HIS A 153 -6.93 -4.85 14.81
N SER A 154 -7.65 -5.92 15.01
CA SER A 154 -7.82 -6.98 14.02
C SER A 154 -9.03 -6.67 13.15
N LEU A 155 -8.89 -6.92 11.87
CA LEU A 155 -9.96 -6.81 10.87
C LEU A 155 -10.46 -8.22 10.54
N GLU A 156 -11.61 -8.56 11.10
CA GLU A 156 -12.26 -9.83 10.84
C GLU A 156 -13.00 -9.74 9.50
N GLY A 157 -13.49 -10.87 9.05
CA GLY A 157 -14.27 -10.88 7.84
C GLY A 157 -13.52 -10.91 6.55
N LEU A 158 -12.19 -11.17 6.59
CA LEU A 158 -11.26 -11.10 5.45
C LEU A 158 -10.45 -12.37 5.29
N SER A 159 -10.83 -13.47 5.96
CA SER A 159 -9.97 -14.63 5.99
C SER A 159 -10.09 -15.52 4.78
N SER A 160 -11.14 -15.46 3.98
N SER A 160 -11.11 -15.35 3.94
CA SER A 160 -11.22 -16.30 2.79
CA SER A 160 -11.42 -16.25 2.83
C SER A 160 -11.10 -15.46 1.53
C SER A 160 -11.29 -15.48 1.52
N SER A 161 -10.44 -15.98 0.52
N SER A 161 -10.64 -16.08 0.54
CA SER A 161 -10.31 -15.23 -0.71
CA SER A 161 -10.45 -15.39 -0.73
C SER A 161 -11.67 -14.90 -1.33
C SER A 161 -11.80 -14.90 -1.27
N GLY A 162 -11.80 -13.65 -1.76
CA GLY A 162 -13.03 -13.06 -2.26
C GLY A 162 -13.79 -12.29 -1.20
N ASP A 163 -13.37 -12.33 0.08
CA ASP A 163 -14.02 -11.61 1.15
C ASP A 163 -13.81 -10.11 0.98
N ALA A 164 -14.81 -9.36 1.39
CA ALA A 164 -14.76 -7.93 1.36
C ALA A 164 -15.49 -7.37 2.56
N VAL A 165 -14.97 -6.27 3.10
CA VAL A 165 -15.62 -5.57 4.21
C VAL A 165 -15.50 -4.06 3.94
N ARG A 166 -16.43 -3.30 4.47
CA ARG A 166 -16.34 -1.87 4.40
C ARG A 166 -15.58 -1.30 5.59
N PHE A 167 -14.83 -0.22 5.31
CA PHE A 167 -14.03 0.45 6.35
C PHE A 167 -14.00 1.91 6.02
N GLY A 168 -14.84 2.73 6.64
CA GLY A 168 -14.96 4.13 6.26
C GLY A 168 -15.27 4.24 4.78
N PRO A 169 -14.54 5.08 4.08
CA PRO A 169 -14.81 5.36 2.67
C PRO A 169 -14.21 4.35 1.72
N VAL A 170 -13.73 3.22 2.22
CA VAL A 170 -13.16 2.20 1.31
C VAL A 170 -13.79 0.85 1.54
N GLU A 171 -13.58 -0.04 0.57
CA GLU A 171 -13.79 -1.47 0.70
C GLU A 171 -12.43 -2.13 0.76
N LEU A 172 -12.28 -3.03 1.71
CA LEU A 172 -11.11 -3.90 1.83
C LEU A 172 -11.46 -5.25 1.22
N PHE A 173 -10.53 -5.83 0.47
CA PHE A 173 -10.78 -7.06 -0.26
C PHE A 173 -9.58 -7.97 -0.09
N TYR A 174 -9.82 -9.22 0.22
CA TYR A 174 -8.73 -10.21 0.30
C TYR A 174 -8.76 -11.05 -0.96
N PRO A 175 -7.78 -10.93 -1.87
CA PRO A 175 -7.87 -11.62 -3.16
C PRO A 175 -7.35 -13.04 -3.11
N GLY A 176 -6.73 -13.45 -2.04
CA GLY A 176 -5.92 -14.65 -1.99
C GLY A 176 -4.44 -14.32 -1.94
N ALA A 177 -3.65 -15.37 -1.76
CA ALA A 177 -2.21 -15.20 -1.66
C ALA A 177 -1.61 -14.72 -2.98
N ALA A 178 -0.65 -13.80 -2.86
CA ALA A 178 -0.04 -13.20 -4.03
C ALA A 178 1.39 -12.82 -3.65
N HIS A 179 1.65 -11.50 -3.51
CA HIS A 179 2.91 -11.04 -2.98
C HIS A 179 3.17 -11.57 -1.58
N SER A 180 2.14 -11.74 -0.79
CA SER A 180 2.20 -12.39 0.51
C SER A 180 0.88 -13.11 0.72
N THR A 181 0.80 -13.98 1.78
N THR A 181 0.86 -13.96 1.75
CA THR A 181 -0.43 -14.72 1.96
CA THR A 181 -0.32 -14.74 2.05
C THR A 181 -1.51 -13.82 2.53
C THR A 181 -1.46 -13.88 2.59
N ASP A 182 -1.12 -12.74 3.16
CA ASP A 182 -2.05 -11.85 3.84
C ASP A 182 -2.43 -10.60 3.06
N ASN A 183 -1.94 -10.39 1.87
CA ASN A 183 -2.12 -9.09 1.21
C ASN A 183 -3.59 -8.76 0.97
N LEU A 184 -3.92 -7.52 1.28
CA LEU A 184 -5.24 -6.95 1.06
C LEU A 184 -5.15 -5.90 -0.06
N VAL A 185 -6.25 -5.72 -0.75
CA VAL A 185 -6.40 -4.65 -1.68
C VAL A 185 -7.50 -3.70 -1.19
N VAL A 186 -7.49 -2.46 -1.65
CA VAL A 186 -8.40 -1.42 -1.16
C VAL A 186 -9.06 -0.73 -2.35
N TYR A 187 -10.37 -0.59 -2.32
CA TYR A 187 -11.09 0.09 -3.38
C TYR A 187 -11.78 1.29 -2.80
N VAL A 188 -11.72 2.41 -3.52
CA VAL A 188 -12.38 3.66 -3.14
C VAL A 188 -13.56 3.82 -4.09
N PRO A 189 -14.79 3.43 -3.67
CA PRO A 189 -15.90 3.41 -4.63
C PRO A 189 -16.28 4.77 -5.15
N SER A 190 -16.07 5.87 -4.38
CA SER A 190 -16.51 7.19 -4.86
C SER A 190 -15.70 7.62 -6.07
N ALA A 191 -14.49 7.06 -6.23
CA ALA A 191 -13.58 7.49 -7.27
C ALA A 191 -13.18 6.37 -8.20
N ASN A 192 -13.63 5.16 -7.98
CA ASN A 192 -13.17 4.01 -8.74
C ASN A 192 -11.66 3.84 -8.72
N VAL A 193 -11.06 4.04 -7.56
CA VAL A 193 -9.63 3.91 -7.37
C VAL A 193 -9.35 2.56 -6.73
N LEU A 194 -8.53 1.77 -7.40
CA LEU A 194 -8.09 0.47 -6.88
C LEU A 194 -6.65 0.60 -6.42
N TYR A 195 -6.43 0.45 -5.12
CA TYR A 195 -5.10 0.41 -4.53
C TYR A 195 -4.75 -1.04 -4.36
N GLY A 196 -3.84 -1.51 -5.21
CA GLY A 196 -3.49 -2.93 -5.21
C GLY A 196 -2.50 -3.30 -4.18
N GLY A 197 -1.81 -2.35 -3.61
CA GLY A 197 -0.69 -2.69 -2.73
C GLY A 197 0.32 -3.57 -3.45
N CYS A 198 1.08 -4.35 -2.71
CA CYS A 198 2.20 -5.03 -3.30
C CYS A 198 1.81 -6.28 -4.14
N ALA A 199 0.54 -6.66 -4.13
CA ALA A 199 0.00 -7.63 -5.07
C ALA A 199 -0.04 -7.13 -6.49
N VAL A 200 0.13 -5.82 -6.73
CA VAL A 200 0.11 -5.23 -8.06
C VAL A 200 1.39 -4.44 -8.28
N HIS A 201 1.98 -4.67 -9.44
CA HIS A 201 3.18 -4.00 -9.88
C HIS A 201 2.91 -2.97 -10.95
N GLU A 202 3.83 -2.02 -11.03
CA GLU A 202 3.76 -0.98 -12.04
C GLU A 202 4.09 -1.54 -13.42
N LEU A 203 3.64 -0.79 -14.44
CA LEU A 203 3.86 -1.25 -15.83
C LEU A 203 5.31 -1.40 -16.22
N SER A 204 6.24 -0.60 -15.66
CA SER A 204 7.65 -0.77 -16.02
C SER A 204 8.33 -1.97 -15.35
N SER A 205 7.62 -2.71 -14.50
N SER A 205 7.68 -2.66 -14.46
CA SER A 205 8.19 -3.83 -13.76
CA SER A 205 8.35 -3.73 -13.72
C SER A 205 8.79 -4.90 -14.69
C SER A 205 8.77 -4.87 -14.64
N THR A 206 9.94 -5.45 -14.28
CA THR A 206 10.61 -6.55 -15.01
C THR A 206 10.63 -7.85 -14.28
N SER A 207 10.20 -7.89 -13.05
CA SER A 207 10.14 -9.12 -12.30
C SER A 207 9.11 -8.80 -11.24
N ALA A 208 8.83 -9.79 -10.44
CA ALA A 208 7.80 -9.63 -9.46
C ALA A 208 8.31 -9.00 -8.17
N GLY A 209 9.36 -8.14 -8.19
CA GLY A 209 9.77 -7.48 -6.93
C GLY A 209 10.32 -8.44 -5.88
N ASN A 210 10.04 -8.14 -4.62
CA ASN A 210 10.53 -8.99 -3.53
C ASN A 210 9.55 -10.12 -3.26
N VAL A 211 9.92 -11.31 -3.70
CA VAL A 211 9.05 -12.47 -3.68
C VAL A 211 9.33 -13.37 -2.49
N ALA A 212 10.06 -12.88 -1.48
CA ALA A 212 10.49 -13.78 -0.41
C ALA A 212 9.32 -14.51 0.23
N ASP A 213 8.19 -13.83 0.37
CA ASP A 213 7.03 -14.35 1.05
C ASP A 213 5.86 -14.62 0.11
N ALA A 214 6.12 -14.65 -1.18
CA ALA A 214 5.08 -14.72 -2.20
C ALA A 214 4.60 -16.15 -2.49
N ASP A 215 3.44 -16.27 -3.13
CA ASP A 215 2.94 -17.54 -3.67
C ASP A 215 2.81 -17.32 -5.18
N LEU A 216 3.90 -17.58 -5.94
CA LEU A 216 3.93 -17.26 -7.37
C LEU A 216 2.88 -18.05 -8.15
N ALA A 217 2.61 -19.27 -7.72
CA ALA A 217 1.63 -20.12 -8.39
C ALA A 217 0.21 -19.62 -8.16
N GLU A 218 -0.13 -19.10 -6.94
CA GLU A 218 -1.48 -18.62 -6.70
C GLU A 218 -1.69 -17.19 -7.15
N TRP A 219 -0.63 -16.42 -7.26
CA TRP A 219 -0.74 -14.99 -7.56
C TRP A 219 -1.58 -14.69 -8.78
N PRO A 220 -1.39 -15.31 -9.94
CA PRO A 220 -2.30 -15.02 -11.06
C PRO A 220 -3.76 -15.22 -10.74
N THR A 221 -4.11 -16.29 -10.01
CA THR A 221 -5.50 -16.53 -9.64
C THR A 221 -6.02 -15.42 -8.75
N SER A 222 -5.17 -14.95 -7.85
CA SER A 222 -5.56 -13.82 -7.00
C SER A 222 -5.77 -12.53 -7.77
N VAL A 223 -4.91 -12.27 -8.73
CA VAL A 223 -5.08 -11.12 -9.62
C VAL A 223 -6.34 -11.24 -10.44
N GLU A 224 -6.63 -12.44 -10.95
N GLU A 224 -6.65 -12.44 -10.93
CA GLU A 224 -7.88 -12.60 -11.70
CA GLU A 224 -7.89 -12.64 -11.68
C GLU A 224 -9.08 -12.28 -10.81
C GLU A 224 -9.10 -12.33 -10.80
N ARG A 225 -9.03 -12.65 -9.50
CA ARG A 225 -10.13 -12.33 -8.61
C ARG A 225 -10.28 -10.81 -8.49
N ILE A 226 -9.15 -10.10 -8.40
CA ILE A 226 -9.23 -8.64 -8.35
C ILE A 226 -9.88 -8.09 -9.61
N GLN A 227 -9.45 -8.57 -10.78
CA GLN A 227 -10.01 -8.10 -12.05
C GLN A 227 -11.52 -8.33 -12.11
N LYS A 228 -11.96 -9.49 -11.63
CA LYS A 228 -13.37 -9.80 -11.69
C LYS A 228 -14.15 -8.98 -10.70
N HIS A 229 -13.57 -8.67 -9.54
CA HIS A 229 -14.32 -7.93 -8.52
C HIS A 229 -14.40 -6.43 -8.79
N TYR A 230 -13.40 -5.87 -9.46
CA TYR A 230 -13.30 -4.42 -9.65
C TYR A 230 -13.13 -4.05 -11.12
N PRO A 231 -14.09 -4.45 -11.97
CA PRO A 231 -13.94 -4.21 -13.40
C PRO A 231 -14.09 -2.75 -13.80
N GLU A 232 -14.59 -1.89 -12.93
CA GLU A 232 -14.80 -0.48 -13.26
C GLU A 232 -13.71 0.39 -12.68
N ALA A 233 -12.65 -0.21 -12.17
CA ALA A 233 -11.56 0.60 -11.67
C ALA A 233 -11.01 1.51 -12.77
N GLU A 234 -10.78 2.77 -12.45
CA GLU A 234 -10.25 3.77 -13.35
C GLU A 234 -8.78 4.09 -13.13
N VAL A 235 -8.32 4.03 -11.92
CA VAL A 235 -6.93 4.17 -11.53
C VAL A 235 -6.57 2.97 -10.71
N VAL A 236 -5.41 2.43 -10.98
CA VAL A 236 -4.81 1.31 -10.27
C VAL A 236 -3.47 1.74 -9.73
N ILE A 237 -3.29 1.62 -8.42
CA ILE A 237 -2.07 2.07 -7.74
C ILE A 237 -1.30 0.86 -7.23
N PRO A 238 -0.05 0.68 -7.65
CA PRO A 238 0.76 -0.46 -7.18
C PRO A 238 1.38 -0.11 -5.82
N GLY A 239 1.87 -1.12 -5.13
CA GLY A 239 2.59 -0.91 -3.87
C GLY A 239 3.85 -0.10 -4.01
N HIS A 240 4.48 -0.19 -5.17
CA HIS A 240 5.72 0.53 -5.48
C HIS A 240 5.61 0.99 -6.94
N GLY A 241 5.88 2.24 -7.21
CA GLY A 241 5.94 2.75 -8.57
C GLY A 241 4.70 3.51 -9.03
N LEU A 242 4.58 3.65 -10.33
N LEU A 242 4.60 3.67 -10.33
CA LEU A 242 3.62 4.59 -10.90
CA LEU A 242 3.63 4.62 -10.88
C LEU A 242 2.21 4.01 -11.01
C LEU A 242 2.23 4.02 -10.98
N PRO A 243 1.19 4.79 -10.64
CA PRO A 243 -0.17 4.38 -10.97
C PRO A 243 -0.43 4.33 -12.47
N GLY A 244 -1.45 3.57 -12.85
CA GLY A 244 -1.96 3.54 -14.21
C GLY A 244 -3.39 3.11 -14.22
N GLY A 245 -3.78 2.40 -15.24
CA GLY A 245 -5.10 1.87 -15.34
C GLY A 245 -5.15 0.37 -15.09
N LEU A 246 -6.25 -0.25 -15.54
CA LEU A 246 -6.45 -1.66 -15.31
C LEU A 246 -5.34 -2.55 -15.90
N ASP A 247 -4.59 -2.10 -16.88
CA ASP A 247 -3.51 -2.91 -17.44
C ASP A 247 -2.49 -3.33 -16.41
N LEU A 248 -2.33 -2.59 -15.29
CA LEU A 248 -1.37 -3.01 -14.29
C LEU A 248 -1.71 -4.40 -13.80
N LEU A 249 -2.97 -4.80 -13.77
CA LEU A 249 -3.32 -6.13 -13.28
C LEU A 249 -2.80 -7.22 -14.21
N GLN A 250 -3.09 -7.12 -15.51
CA GLN A 250 -2.62 -8.13 -16.43
C GLN A 250 -1.10 -8.12 -16.49
N HIS A 251 -0.49 -6.93 -16.49
CA HIS A 251 0.97 -6.86 -16.50
C HIS A 251 1.55 -7.61 -15.31
N THR A 252 0.95 -7.40 -14.14
CA THR A 252 1.39 -8.10 -12.94
C THR A 252 1.35 -9.61 -13.13
N ALA A 253 0.20 -10.12 -13.62
CA ALA A 253 0.08 -11.56 -13.88
C ALA A 253 1.21 -12.01 -14.81
N ASN A 254 1.49 -11.20 -15.85
CA ASN A 254 2.49 -11.57 -16.84
C ASN A 254 3.88 -11.66 -16.21
N VAL A 255 4.29 -10.64 -15.44
CA VAL A 255 5.60 -10.71 -14.83
C VAL A 255 5.74 -11.79 -13.78
N VAL A 256 4.70 -12.08 -13.06
CA VAL A 256 4.76 -13.12 -12.05
C VAL A 256 4.89 -14.47 -12.70
N LYS A 257 4.12 -14.72 -13.80
CA LYS A 257 4.18 -16.05 -14.45
C LYS A 257 5.58 -16.25 -15.00
N ALA A 258 6.19 -15.19 -15.52
CA ALA A 258 7.53 -15.39 -16.06
C ALA A 258 8.58 -15.51 -14.98
N HIS A 259 8.36 -14.92 -13.81
CA HIS A 259 9.26 -15.10 -12.68
C HIS A 259 9.20 -16.53 -12.16
N LYS A 260 7.98 -17.05 -11.92
CA LYS A 260 7.80 -18.45 -11.54
C LYS A 260 8.51 -19.38 -12.50
N ASN A 261 8.41 -19.11 -13.80
CA ASN A 261 9.06 -19.93 -14.82
C ASN A 261 10.57 -19.69 -14.86
ZN ZN B . 5.71 -6.86 0.94
ZN ZN C . 6.03 -4.02 -1.10
C10 YSX D . 10.10 -4.65 -3.02
C10 YSX D . 10.11 -4.66 -3.04
C11 YSX D . 10.39 -4.30 -4.47
C11 YSX D . 10.41 -4.34 -4.47
C12 YSX D . 11.61 -4.58 -5.05
C12 YSX D . 9.44 -3.64 -5.18
C13 YSX D . 11.83 -4.26 -6.37
C13 YSX D . 9.63 -3.38 -6.51
C15 YSX D . 10.85 -3.64 -7.13
C15 YSX D . 10.76 -3.80 -7.18
C16 YSX D . 11.13 -3.23 -8.57
C16 YSX D . 10.98 -3.52 -8.66
C18 YSX D . 8.92 -4.88 -9.54
C18 YSX D . 8.68 -4.87 -9.43
C21 YSX D . 9.65 -3.31 -6.52
C21 YSX D . 11.72 -4.51 -6.48
C22 YSX D . 9.40 -3.65 -5.20
C22 YSX D . 11.57 -4.76 -5.12
C23 YSX D . 10.97 -4.46 -1.91
C23 YSX D . 10.99 -4.62 -1.95
C24 YSX D . 12.29 -3.98 -1.76
C24 YSX D . 12.36 -4.36 -1.83
C25 YSX D . 12.85 -3.99 -0.47
C25 YSX D . 12.94 -4.49 -0.56
C26 YSX D . 12.12 -4.43 0.64
C26 YSX D . 12.22 -4.86 0.58
C01 YSX D . 10.05 -4.49 2.93
C01 YSX D . 10.06 -4.47 2.63
C02 YSX D . 9.95 -5.37 1.69
C02 YSX D . 9.91 -5.54 1.61
C03 YSX D . 10.81 -4.88 0.52
C03 YSX D . 10.82 -5.10 0.48
C04 YSX D . 10.24 -4.89 -0.79
C04 YSX D . 10.25 -4.99 -0.81
C06 YSX D . 8.91 -5.16 -2.53
C06 YSX D . 8.86 -5.03 -2.52
C07 YSX D . 7.70 -5.62 -3.29
C07 YSX D . 7.61 -5.39 -3.16
C28 YSX D . 9.57 -7.89 1.33
C28 YSX D . 9.62 -7.96 1.26
C30 YSX D . 10.14 -9.18 1.79
C30 YSX D . 10.18 -9.24 1.79
C32 YSX D . 12.12 -9.78 3.36
C32 YSX D . 12.06 -9.74 3.51
C33 YSX D . 11.47 -10.76 4.35
C33 YSX D . 11.52 -9.94 4.93
C34 YSX D . 12.50 -11.31 5.33
C34 YSX D . 10.89 -11.33 5.11
C36 YSX D . 11.30 -7.38 2.77
C36 YSX D . 11.25 -7.41 2.82
F14 YSX D . 13.02 -4.58 -6.94
F14 YSX D . 8.64 -2.68 -7.13
N05 YSX D . 9.01 -5.29 -1.21
N05 YSX D . 8.95 -5.21 -1.20
N27 YSX D . 10.26 -6.79 1.95
N27 YSX D . 10.26 -6.88 1.96
N31 YSX D . 11.22 -8.83 2.71
N31 YSX D . 11.17 -8.83 2.77
N35 YSX D . 11.95 -12.44 6.08
N35 YSX D . 9.70 -11.33 5.93
O08 YSX D . 7.83 -6.20 -4.40
O08 YSX D . 7.72 -6.14 -4.18
O09 YSX D . 6.55 -5.51 -2.74
O09 YSX D . 6.50 -5.26 -2.54
O19 YSX D . 11.42 -5.71 -9.48
O19 YSX D . 11.09 -6.13 -9.27
O20 YSX D . 10.90 -4.10 -11.12
O20 YSX D . 10.57 -4.58 -11.12
O29 YSX D . 8.66 -7.73 0.55
O29 YSX D . 8.73 -7.82 0.40
O37 YSX D . 12.10 -6.75 3.38
O37 YSX D . 12.00 -6.76 3.45
S17 YSX D . 10.67 -4.51 -9.75
S17 YSX D . 10.41 -4.90 -9.72
H121 YSX D . 12.39 -5.06 -4.47
H121 YSX D . 8.53 -3.32 -4.69
H161 YSX D . 10.57 -2.33 -8.79
H161 YSX D . 10.43 -2.62 -8.94
H162 YSX D . 12.19 -3.03 -8.67
H162 YSX D . 12.04 -3.35 -8.83
H183 YSX D . 8.59 -5.56 -10.32
H183 YSX D . 8.31 -3.86 -9.58
H181 YSX D . 8.33 -3.96 -9.61
H181 YSX D . 8.49 -5.18 -8.40
H182 YSX D . 8.76 -5.35 -8.57
H182 YSX D . 8.19 -5.55 -10.11
H211 YSX D . 8.89 -2.80 -7.09
H211 YSX D . 12.61 -4.86 -6.98
H221 YSX D . 8.45 -3.39 -4.75
H221 YSX D . 12.34 -5.29 -4.57
H241 YSX D . 12.85 -3.63 -2.61
H241 YSX D . 12.95 -4.07 -2.68
H251 YSX D . 13.88 -3.67 -0.33
H251 YSX D . 14.01 -4.30 -0.45
H261 YSX D . 12.58 -4.41 1.62
H261 YSX D . 12.71 -4.94 1.54
H013 YSX D . 9.78 -3.47 2.68
H013 YSX D . 9.82 -3.50 2.19
H011 YSX D . 11.06 -4.52 3.30
H011 YSX D . 11.08 -4.46 3.01
H012 YSX D . 9.37 -4.87 3.69
H012 YSX D . 9.38 -4.66 3.46
H021 YSX D . 8.90 -5.33 1.40
H021 YSX D . 8.85 -5.64 1.42
H301 YSX D . 10.61 -9.65 0.92
H301 YSX D . 10.70 -9.72 0.96
H302 YSX D . 9.38 -9.68 2.37
H302 YSX D . 9.38 -9.72 2.33
H321 YSX D . 12.88 -9.22 3.89
H321 YSX D . 13.06 -9.31 3.56
H322 YSX D . 12.59 -10.37 2.58
H322 YSX D . 12.11 -10.69 3.00
H331 YSX D . 11.02 -11.58 3.81
H331 YSX D . 10.77 -9.18 5.14
H332 YSX D . 10.70 -10.23 4.90
H332 YSX D . 12.34 -9.83 5.64
H342 YSX D . 12.78 -10.53 6.04
H342 YSX D . 11.62 -11.98 5.56
H341 YSX D . 13.38 -11.63 4.79
H341 YSX D . 10.63 -11.71 4.13
H051 YSX D . 8.29 -5.63 -0.60
H051 YSX D . 8.20 -5.46 -0.59
H352 YSX D . 10.95 -12.46 5.94
H352 YSX D . 9.78 -12.07 6.62
H351 YSX D . 12.33 -13.30 5.70
H351 YSX D . 9.64 -10.46 6.40
#